data_6SUY
#
_entry.id   6SUY
#
_cell.length_a   102.489
_cell.length_b   102.489
_cell.length_c   72.180
_cell.angle_alpha   90.000
_cell.angle_beta   90.000
_cell.angle_gamma   120.000
#
_symmetry.space_group_name_H-M   'P 32 2 1'
#
loop_
_entity.id
_entity.type
_entity.pdbx_description
1 polymer 'Cytochrome c iso-1'
2 non-polymer 'HEME C'
3 non-polymer 'octa-anionic calix[4]arene'
4 non-polymer 'SODIUM ION'
5 non-polymer 'SULFATE ION'
6 water water
#
_entity_poly.entity_id   1
_entity_poly.type   'polypeptide(L)'
_entity_poly.pdbx_seq_one_letter_code
;AEFKAGSAKKGATLFKTRCLQCHTVEKGGPHKVGPNLHGIFGRHSGQAEGYSYTDANIKKNVLWDENNMSEYLTNPKKYI
PGTKMAFGGLKKEKDRNDLITYLKKATE
;
_entity_poly.pdbx_strand_id   A,B
#
# COMPACT_ATOMS: atom_id res chain seq x y z
N GLU A 2 -6.72 -5.40 26.24
CA GLU A 2 -8.08 -5.91 26.06
C GLU A 2 -9.00 -4.79 25.55
N PHE A 3 -9.40 -4.90 24.28
CA PHE A 3 -10.22 -3.90 23.63
C PHE A 3 -11.70 -4.08 23.92
N LYS A 4 -12.40 -2.95 24.11
CA LYS A 4 -13.85 -2.87 24.29
C LYS A 4 -14.31 -1.67 23.50
N ALA A 5 -15.37 -1.81 22.70
CA ALA A 5 -15.90 -0.71 21.90
C ALA A 5 -16.11 0.52 22.78
N GLY A 6 -15.66 1.66 22.28
CA GLY A 6 -15.76 2.94 22.99
C GLY A 6 -16.48 3.99 22.18
N SER A 7 -16.10 5.25 22.39
CA SER A 7 -16.70 6.40 21.72
C SER A 7 -15.88 6.83 20.51
N ALA A 8 -16.42 6.62 19.29
CA ALA A 8 -15.76 7.05 18.04
C ALA A 8 -15.61 8.57 17.99
N LYS A 9 -16.55 9.31 18.61
CA LYS A 9 -16.50 10.78 18.66
C LYS A 9 -15.31 11.25 19.48
N LYS A 10 -15.11 10.66 20.69
CA LYS A 10 -13.96 11.00 21.52
C LYS A 10 -12.67 10.54 20.84
N GLY A 11 -12.71 9.37 20.20
CA GLY A 11 -11.57 8.81 19.48
C GLY A 11 -11.10 9.68 18.34
N ALA A 12 -12.05 10.32 17.62
CA ALA A 12 -11.73 11.23 16.51
C ALA A 12 -10.90 12.43 17.02
N THR A 13 -11.31 13.00 18.16
CA THR A 13 -10.63 14.14 18.80
C THR A 13 -9.21 13.72 19.21
N LEU A 14 -9.08 12.53 19.85
CA LEU A 14 -7.80 11.99 20.27
C LEU A 14 -6.89 11.75 19.06
N PHE A 15 -7.44 11.21 17.96
CA PHE A 15 -6.66 11.00 16.73
C PHE A 15 -6.11 12.33 16.19
N LYS A 16 -6.94 13.40 16.19
CA LYS A 16 -6.53 14.72 15.69
C LYS A 16 -5.35 15.30 16.46
N THR A 17 -5.22 14.98 17.75
CA THR A 17 -4.11 15.54 18.55
C THR A 17 -2.94 14.59 18.72
N ARG A 18 -3.19 13.27 18.70
CA ARG A 18 -2.14 12.29 18.96
C ARG A 18 -1.56 11.59 17.74
N CYS A 19 -2.29 11.51 16.62
CA CYS A 19 -1.86 10.72 15.44
C CYS A 19 -1.81 11.47 14.13
N LEU A 20 -2.76 12.39 13.89
CA LEU A 20 -2.96 13.09 12.62
C LEU A 20 -1.72 13.78 12.10
N GLN A 21 -0.84 14.26 12.99
CA GLN A 21 0.42 14.90 12.62
C GLN A 21 1.31 13.99 11.76
N CYS A 22 1.16 12.65 11.91
CA CYS A 22 1.97 11.68 11.16
C CYS A 22 1.19 10.75 10.26
N HIS A 23 -0.12 10.61 10.48
CA HIS A 23 -0.92 9.65 9.72
C HIS A 23 -2.20 10.20 9.14
N THR A 24 -2.56 9.74 7.94
CA THR A 24 -3.87 9.98 7.34
C THR A 24 -4.63 8.64 7.45
N VAL A 25 -5.96 8.66 7.28
CA VAL A 25 -6.78 7.45 7.44
C VAL A 25 -7.60 7.06 6.21
N GLU A 26 -7.92 8.03 5.35
CA GLU A 26 -8.83 7.78 4.23
C GLU A 26 -8.20 6.97 3.10
N LYS A 27 -9.03 6.29 2.29
CA LYS A 27 -8.53 5.54 1.13
C LYS A 27 -7.92 6.54 0.19
N GLY A 28 -6.68 6.30 -0.21
CA GLY A 28 -5.97 7.22 -1.09
C GLY A 28 -5.34 8.40 -0.38
N GLY A 29 -5.46 8.44 0.95
CA GLY A 29 -4.85 9.48 1.78
C GLY A 29 -3.34 9.34 1.71
N PRO A 30 -2.57 10.43 1.75
CA PRO A 30 -1.11 10.27 1.54
C PRO A 30 -0.34 9.64 2.69
N HIS A 31 0.81 9.04 2.35
CA HIS A 31 1.76 8.61 3.36
C HIS A 31 2.43 9.93 3.77
N LYS A 32 2.74 10.07 5.05
CA LYS A 32 3.39 11.28 5.57
C LYS A 32 4.57 10.79 6.39
N VAL A 33 4.78 11.29 7.62
CA VAL A 33 5.88 10.74 8.46
C VAL A 33 5.60 9.24 8.69
N GLY A 34 4.34 8.93 8.95
CA GLY A 34 3.86 7.56 9.12
C GLY A 34 3.02 7.14 7.92
N PRO A 35 2.78 5.82 7.76
CA PRO A 35 1.99 5.37 6.61
C PRO A 35 0.52 5.72 6.70
N ASN A 36 -0.15 5.84 5.55
CA ASN A 36 -1.60 6.01 5.52
C ASN A 36 -2.18 4.72 6.18
N LEU A 37 -3.23 4.86 6.98
CA LEU A 37 -3.77 3.72 7.73
C LEU A 37 -5.03 3.10 7.16
N HIS A 38 -5.42 3.44 5.92
CA HIS A 38 -6.63 2.82 5.36
C HIS A 38 -6.46 1.29 5.32
N GLY A 39 -7.48 0.58 5.80
CA GLY A 39 -7.49 -0.89 5.84
C GLY A 39 -6.50 -1.53 6.77
N ILE A 40 -5.96 -0.77 7.74
CA ILE A 40 -4.96 -1.29 8.69
C ILE A 40 -5.42 -2.58 9.42
N PHE A 41 -6.70 -2.65 9.85
CA PHE A 41 -7.20 -3.86 10.54
C PHE A 41 -7.38 -4.97 9.53
N GLY A 42 -6.63 -6.05 9.73
CA GLY A 42 -6.61 -7.15 8.78
C GLY A 42 -5.43 -7.08 7.85
N ARG A 43 -4.53 -6.12 8.06
CA ARG A 43 -3.29 -6.05 7.28
C ARG A 43 -2.13 -6.38 8.22
N HIS A 44 -1.10 -7.07 7.71
CA HIS A 44 0.09 -7.37 8.52
C HIS A 44 0.94 -6.10 8.61
N SER A 45 1.73 -5.98 9.68
CA SER A 45 2.58 -4.79 9.83
C SER A 45 3.61 -4.69 8.70
N GLY A 46 3.93 -3.46 8.31
CA GLY A 46 4.94 -3.20 7.29
C GLY A 46 4.55 -3.56 5.89
N GLN A 47 3.24 -3.54 5.59
CA GLN A 47 2.77 -3.98 4.28
C GLN A 47 2.08 -2.91 3.43
N ALA A 48 1.96 -1.67 3.91
CA ALA A 48 1.37 -0.61 3.06
C ALA A 48 2.39 -0.25 1.99
N GLU A 49 2.01 -0.42 0.72
CA GLU A 49 2.92 -0.13 -0.38
C GLU A 49 3.24 1.34 -0.50
N GLY A 50 4.47 1.65 -0.92
CA GLY A 50 4.90 3.04 -1.09
C GLY A 50 5.43 3.71 0.16
N TYR A 51 5.46 2.97 1.29
CA TYR A 51 5.95 3.52 2.55
C TYR A 51 7.23 2.82 2.97
N SER A 52 8.23 3.60 3.38
CA SER A 52 9.53 3.05 3.77
C SER A 52 9.57 2.73 5.27
N TYR A 53 9.27 1.47 5.62
CA TYR A 53 9.26 1.05 7.03
C TYR A 53 10.64 0.69 7.52
N THR A 54 10.77 0.56 8.87
CA THR A 54 11.97 -0.01 9.45
C THR A 54 11.86 -1.51 9.20
N ASP A 55 13.00 -2.24 9.19
CA ASP A 55 12.99 -3.70 9.09
C ASP A 55 12.29 -4.25 10.35
N ALA A 56 12.42 -3.55 11.49
CA ALA A 56 11.78 -3.96 12.76
C ALA A 56 10.26 -4.09 12.61
N ASN A 57 9.61 -3.07 12.02
CA ASN A 57 8.17 -3.10 11.81
C ASN A 57 7.78 -4.26 10.86
N ILE A 58 8.53 -4.43 9.75
CA ILE A 58 8.24 -5.51 8.79
C ILE A 58 8.39 -6.89 9.43
N LYS A 59 9.54 -7.13 10.10
CA LYS A 59 9.88 -8.40 10.75
C LYS A 59 8.91 -8.79 11.86
N LYS A 60 8.30 -7.80 12.55
CA LYS A 60 7.33 -8.08 13.61
C LYS A 60 6.17 -8.89 13.00
N ASN A 61 5.77 -8.53 11.77
CA ASN A 61 4.72 -9.22 10.98
C ASN A 61 3.45 -9.53 11.78
N VAL A 62 2.99 -8.56 12.57
CA VAL A 62 1.77 -8.74 13.36
C VAL A 62 0.55 -8.49 12.46
N LEU A 63 -0.50 -9.30 12.58
CA LEU A 63 -1.72 -9.05 11.84
C LEU A 63 -2.52 -8.08 12.68
N TRP A 64 -2.70 -6.85 12.23
CA TRP A 64 -3.38 -5.85 13.07
C TRP A 64 -4.85 -6.14 13.34
N ASP A 65 -5.21 -6.13 14.65
CA ASP A 65 -6.57 -6.33 15.15
C ASP A 65 -6.71 -5.28 16.27
N GLU A 66 -7.96 -5.01 16.71
CA GLU A 66 -8.16 -4.00 17.76
C GLU A 66 -7.40 -4.36 19.03
N ASN A 67 -7.32 -5.66 19.35
CA ASN A 67 -6.68 -6.12 20.59
C ASN A 67 -5.18 -5.97 20.61
N ASN A 68 -4.46 -6.47 19.58
CA ASN A 68 -3.01 -6.26 19.56
C ASN A 68 -2.67 -4.80 19.29
N MET A 69 -3.56 -4.04 18.60
CA MET A 69 -3.24 -2.60 18.42
C MET A 69 -3.32 -1.86 19.75
N SER A 70 -4.20 -2.31 20.66
CA SER A 70 -4.29 -1.70 21.99
C SER A 70 -2.98 -1.93 22.76
N GLU A 71 -2.40 -3.15 22.64
CA GLU A 71 -1.12 -3.48 23.28
C GLU A 71 0.00 -2.63 22.66
N TYR A 72 0.01 -2.53 21.32
CA TYR A 72 1.02 -1.74 20.60
C TYR A 72 0.97 -0.27 21.01
N LEU A 73 -0.23 0.34 20.97
CA LEU A 73 -0.36 1.76 21.28
C LEU A 73 -0.08 2.10 22.72
N THR A 74 -0.11 1.11 23.64
CA THR A 74 0.23 1.33 25.05
C THR A 74 1.72 1.73 25.14
N ASN A 75 2.57 1.06 24.36
CA ASN A 75 4.02 1.32 24.37
C ASN A 75 4.64 0.80 23.07
N PRO A 76 4.65 1.62 22.00
CA PRO A 76 5.16 1.14 20.69
C PRO A 76 6.58 0.60 20.70
N LYS A 77 7.52 1.26 21.42
CA LYS A 77 8.90 0.82 21.43
C LYS A 77 9.09 -0.55 22.12
N LYS A 78 8.23 -0.89 23.09
CA LYS A 78 8.28 -2.18 23.79
C LYS A 78 7.74 -3.27 22.86
N TYR A 79 6.68 -2.94 22.11
CA TYR A 79 6.01 -3.85 21.19
C TYR A 79 6.87 -4.16 19.97
N ILE A 80 7.46 -3.11 19.36
CA ILE A 80 8.32 -3.24 18.19
C ILE A 80 9.63 -2.51 18.49
N PRO A 81 10.58 -3.15 19.22
CA PRO A 81 11.88 -2.50 19.46
C PRO A 81 12.52 -2.13 18.12
N GLY A 82 12.98 -0.92 18.00
CA GLY A 82 13.57 -0.49 16.72
C GLY A 82 12.58 0.21 15.81
N THR A 83 11.29 0.35 16.20
CA THR A 83 10.36 1.12 15.36
C THR A 83 10.76 2.60 15.34
N LYS A 84 10.47 3.31 14.23
CA LYS A 84 10.79 4.73 14.13
C LYS A 84 9.53 5.60 14.40
N MET A 85 8.45 4.98 14.91
CA MET A 85 7.25 5.73 15.30
C MET A 85 7.54 6.42 16.64
N ALA A 86 7.72 7.76 16.62
CA ALA A 86 8.04 8.53 17.82
C ALA A 86 6.75 8.82 18.59
N PHE A 87 6.28 7.82 19.34
CA PHE A 87 5.03 7.91 20.09
C PHE A 87 5.22 7.15 21.40
N GLY A 88 5.18 7.87 22.51
CA GLY A 88 5.41 7.32 23.83
C GLY A 88 4.39 6.28 24.27
N GLY A 89 3.14 6.51 23.88
CA GLY A 89 2.06 5.58 24.19
C GLY A 89 0.81 6.19 24.80
N LEU A 90 -0.34 5.52 24.55
CA LEU A 90 -1.62 5.91 25.13
C LEU A 90 -1.75 5.03 26.36
N LYS A 91 -1.55 5.61 27.55
CA LYS A 91 -1.51 4.83 28.79
C LYS A 91 -2.87 4.53 29.41
N LYS A 92 -3.94 5.24 28.99
CA LYS A 92 -5.28 5.03 29.54
C LYS A 92 -6.06 4.06 28.67
N GLU A 93 -6.61 2.99 29.27
CA GLU A 93 -7.41 1.99 28.56
C GLU A 93 -8.60 2.66 27.82
N LYS A 94 -9.29 3.61 28.51
CA LYS A 94 -10.45 4.33 27.93
C LYS A 94 -10.04 5.07 26.65
N ASP A 95 -8.88 5.72 26.65
CA ASP A 95 -8.36 6.43 25.48
C ASP A 95 -8.07 5.49 24.33
N ARG A 96 -7.45 4.32 24.63
CA ARG A 96 -7.15 3.32 23.60
C ARG A 96 -8.44 2.78 23.02
N ASN A 97 -9.44 2.49 23.86
CA ASN A 97 -10.73 2.00 23.37
C ASN A 97 -11.39 3.02 22.45
N ASP A 98 -11.47 4.29 22.88
CA ASP A 98 -12.08 5.33 22.05
C ASP A 98 -11.32 5.53 20.73
N LEU A 99 -9.99 5.68 20.80
CA LEU A 99 -9.16 5.91 19.60
C LEU A 99 -9.29 4.75 18.60
N ILE A 100 -9.18 3.51 19.09
CA ILE A 100 -9.28 2.33 18.22
C ILE A 100 -10.69 2.19 17.62
N THR A 101 -11.74 2.57 18.38
CA THR A 101 -13.13 2.52 17.86
C THR A 101 -13.24 3.48 16.67
N TYR A 102 -12.69 4.70 16.83
CA TYR A 102 -12.68 5.67 15.74
C TYR A 102 -11.87 5.14 14.58
N LEU A 103 -10.65 4.65 14.87
CA LEU A 103 -9.73 4.19 13.81
C LEU A 103 -10.33 3.10 12.95
N LYS A 104 -11.00 2.14 13.56
CA LYS A 104 -11.64 1.04 12.84
C LYS A 104 -12.71 1.58 11.89
N LYS A 105 -13.52 2.57 12.33
CA LYS A 105 -14.54 3.21 11.50
C LYS A 105 -13.91 4.04 10.38
N ALA A 106 -12.89 4.84 10.71
CA ALA A 106 -12.24 5.74 9.75
C ALA A 106 -11.40 5.03 8.69
N THR A 107 -10.85 3.84 9.00
CA THR A 107 -9.98 3.13 8.06
C THR A 107 -10.70 2.04 7.28
N GLU A 108 -12.02 1.89 7.51
CA GLU A 108 -12.84 0.91 6.80
C GLU A 108 -13.09 1.41 5.37
N GLU B 2 -1.10 -16.05 -22.13
CA GLU B 2 -0.47 -15.49 -23.32
C GLU B 2 0.97 -15.18 -22.96
N PHE B 3 1.23 -14.87 -21.68
CA PHE B 3 2.59 -14.58 -21.22
C PHE B 3 3.51 -15.79 -21.40
N LYS B 4 4.76 -15.54 -21.82
CA LYS B 4 5.79 -16.57 -21.96
C LYS B 4 7.03 -15.96 -21.34
N ALA B 5 7.71 -16.67 -20.43
CA ALA B 5 8.89 -16.16 -19.74
C ALA B 5 9.94 -15.67 -20.74
N GLY B 6 10.49 -14.49 -20.47
CA GLY B 6 11.49 -13.86 -21.34
C GLY B 6 12.76 -13.55 -20.58
N SER B 7 13.39 -12.44 -20.91
CA SER B 7 14.63 -12.02 -20.28
C SER B 7 14.37 -10.93 -19.23
N ALA B 8 14.64 -11.23 -17.94
CA ALA B 8 14.47 -10.25 -16.86
C ALA B 8 15.47 -9.09 -17.02
N LYS B 9 16.67 -9.38 -17.57
CA LYS B 9 17.73 -8.39 -17.83
C LYS B 9 17.21 -7.36 -18.84
N LYS B 10 16.60 -7.84 -19.94
CA LYS B 10 16.04 -6.93 -20.95
C LYS B 10 14.83 -6.19 -20.39
N GLY B 11 14.02 -6.89 -19.60
CA GLY B 11 12.86 -6.28 -18.95
C GLY B 11 13.22 -5.14 -18.02
N ALA B 12 14.35 -5.28 -17.27
CA ALA B 12 14.84 -4.23 -16.37
C ALA B 12 15.14 -2.94 -17.14
N THR B 13 15.78 -3.08 -18.31
CA THR B 13 16.14 -1.94 -19.17
C THR B 13 14.87 -1.28 -19.71
N LEU B 14 13.88 -2.07 -20.16
CA LEU B 14 12.60 -1.53 -20.64
C LEU B 14 11.86 -0.80 -19.54
N PHE B 15 11.91 -1.32 -18.31
CA PHE B 15 11.25 -0.63 -17.19
C PHE B 15 11.88 0.76 -17.03
N LYS B 16 13.21 0.84 -17.11
CA LYS B 16 13.91 2.12 -16.97
C LYS B 16 13.49 3.16 -18.02
N THR B 17 13.28 2.74 -19.28
CA THR B 17 12.93 3.67 -20.34
C THR B 17 11.44 3.94 -20.49
N ARG B 18 10.60 2.98 -20.10
CA ARG B 18 9.16 3.10 -20.32
C ARG B 18 8.29 3.28 -19.08
N CYS B 19 8.78 2.90 -17.88
CA CYS B 19 7.95 2.92 -16.66
C CYS B 19 8.49 3.76 -15.54
N LEU B 20 9.82 3.73 -15.33
CA LEU B 20 10.49 4.36 -14.18
C LEU B 20 10.16 5.84 -13.97
N GLN B 21 9.84 6.58 -15.05
CA GLN B 21 9.46 7.99 -14.94
C GLN B 21 8.22 8.17 -14.04
N CYS B 22 7.35 7.15 -13.94
CA CYS B 22 6.13 7.21 -13.14
C CYS B 22 6.04 6.20 -12.01
N HIS B 23 6.86 5.15 -12.03
CA HIS B 23 6.76 4.05 -11.06
C HIS B 23 8.08 3.57 -10.47
N THR B 24 8.01 3.06 -9.23
CA THR B 24 9.11 2.35 -8.59
C THR B 24 8.59 0.91 -8.37
N VAL B 25 9.48 -0.05 -8.11
CA VAL B 25 9.10 -1.46 -7.95
C VAL B 25 9.46 -2.05 -6.61
N GLU B 26 10.53 -1.53 -5.96
CA GLU B 26 11.03 -2.13 -4.73
C GLU B 26 10.08 -1.93 -3.55
N LYS B 27 10.22 -2.81 -2.55
CA LYS B 27 9.48 -2.73 -1.29
C LYS B 27 9.87 -1.41 -0.63
N GLY B 28 8.89 -0.58 -0.32
CA GLY B 28 9.18 0.70 0.32
C GLY B 28 9.55 1.81 -0.66
N GLY B 29 9.58 1.49 -1.95
CA GLY B 29 9.82 2.45 -3.01
C GLY B 29 8.71 3.48 -3.04
N PRO B 30 8.96 4.76 -3.38
CA PRO B 30 7.87 5.74 -3.29
C PRO B 30 6.81 5.69 -4.38
N HIS B 31 5.63 6.24 -4.07
CA HIS B 31 4.59 6.49 -5.05
C HIS B 31 5.10 7.77 -5.75
N LYS B 32 4.90 7.84 -7.06
CA LYS B 32 5.32 9.02 -7.85
C LYS B 32 4.08 9.44 -8.64
N VAL B 33 4.18 9.68 -9.96
CA VAL B 33 2.97 9.98 -10.76
C VAL B 33 2.05 8.74 -10.68
N GLY B 34 2.66 7.55 -10.72
CA GLY B 34 1.97 6.27 -10.59
C GLY B 34 2.30 5.59 -9.28
N PRO B 35 1.52 4.58 -8.85
CA PRO B 35 1.80 3.94 -7.56
C PRO B 35 3.03 3.03 -7.59
N ASN B 36 3.67 2.84 -6.43
CA ASN B 36 4.75 1.86 -6.31
C ASN B 36 4.09 0.50 -6.64
N LEU B 37 4.82 -0.37 -7.34
CA LEU B 37 4.28 -1.64 -7.84
C LEU B 37 4.65 -2.88 -7.05
N HIS B 38 5.30 -2.74 -5.88
CA HIS B 38 5.64 -3.92 -5.10
C HIS B 38 4.38 -4.70 -4.73
N GLY B 39 4.42 -6.03 -4.91
CA GLY B 39 3.31 -6.91 -4.58
C GLY B 39 2.11 -6.82 -5.51
N ILE B 40 2.29 -6.18 -6.70
CA ILE B 40 1.20 -5.99 -7.67
C ILE B 40 0.54 -7.32 -8.10
N PHE B 41 1.33 -8.37 -8.35
CA PHE B 41 0.78 -9.65 -8.80
C PHE B 41 0.05 -10.38 -7.68
N GLY B 42 -1.20 -10.73 -7.93
CA GLY B 42 -2.04 -11.39 -6.93
C GLY B 42 -2.84 -10.44 -6.06
N ARG B 43 -2.73 -9.13 -6.33
CA ARG B 43 -3.48 -8.07 -5.65
C ARG B 43 -4.50 -7.51 -6.66
N HIS B 44 -5.65 -7.02 -6.18
CA HIS B 44 -6.64 -6.40 -7.06
C HIS B 44 -6.18 -4.98 -7.42
N SER B 45 -6.60 -4.48 -8.59
CA SER B 45 -6.25 -3.12 -9.02
C SER B 45 -6.80 -2.06 -8.08
N GLY B 46 -6.09 -0.95 -7.95
CA GLY B 46 -6.55 0.17 -7.13
C GLY B 46 -6.47 -0.03 -5.64
N GLN B 47 -5.54 -0.87 -5.19
CA GLN B 47 -5.44 -1.22 -3.77
C GLN B 47 -4.13 -0.85 -3.06
N ALA B 48 -3.14 -0.23 -3.76
CA ALA B 48 -1.92 0.19 -3.06
C ALA B 48 -2.28 1.35 -2.12
N GLU B 49 -2.00 1.19 -0.83
CA GLU B 49 -2.32 2.24 0.15
C GLU B 49 -1.49 3.48 -0.07
N GLY B 50 -2.09 4.63 0.23
CA GLY B 50 -1.38 5.90 0.09
C GLY B 50 -1.36 6.49 -1.31
N TYR B 51 -2.05 5.83 -2.25
CA TYR B 51 -2.11 6.32 -3.63
C TYR B 51 -3.54 6.66 -4.02
N SER B 52 -3.74 7.82 -4.69
CA SER B 52 -5.08 8.23 -5.10
C SER B 52 -5.36 7.78 -6.54
N TYR B 53 -6.09 6.69 -6.69
CA TYR B 53 -6.43 6.11 -8.00
C TYR B 53 -7.68 6.75 -8.57
N THR B 54 -7.91 6.55 -9.89
CA THR B 54 -9.18 6.97 -10.50
C THR B 54 -10.21 5.95 -10.05
N ASP B 55 -11.50 6.33 -10.10
CA ASP B 55 -12.57 5.39 -9.79
C ASP B 55 -12.54 4.25 -10.82
N ALA B 56 -12.12 4.54 -12.06
CA ALA B 56 -12.02 3.57 -13.16
C ALA B 56 -11.10 2.41 -12.80
N ASN B 57 -9.91 2.72 -12.30
CA ASN B 57 -8.94 1.68 -11.91
C ASN B 57 -9.48 0.83 -10.74
N ILE B 58 -10.07 1.47 -9.72
CA ILE B 58 -10.65 0.77 -8.56
C ILE B 58 -11.81 -0.14 -9.00
N LYS B 59 -12.77 0.41 -9.78
CA LYS B 59 -13.97 -0.30 -10.26
C LYS B 59 -13.62 -1.50 -11.13
N LYS B 60 -12.52 -1.39 -11.92
CA LYS B 60 -12.04 -2.48 -12.78
C LYS B 60 -11.85 -3.74 -11.93
N ASN B 61 -11.26 -3.57 -10.72
CA ASN B 61 -11.05 -4.61 -9.71
C ASN B 61 -10.47 -5.89 -10.30
N VAL B 62 -9.45 -5.74 -11.13
CA VAL B 62 -8.81 -6.88 -11.77
C VAL B 62 -7.78 -7.47 -10.82
N LEU B 63 -7.74 -8.81 -10.72
CA LEU B 63 -6.74 -9.49 -9.91
C LEU B 63 -5.54 -9.64 -10.83
N TRP B 64 -4.50 -8.79 -10.66
CA TRP B 64 -3.36 -8.81 -11.57
C TRP B 64 -2.63 -10.14 -11.65
N ASP B 65 -2.41 -10.60 -12.88
CA ASP B 65 -1.61 -11.79 -13.17
C ASP B 65 -0.80 -11.50 -14.42
N GLU B 66 0.09 -12.41 -14.81
CA GLU B 66 0.97 -12.19 -15.97
C GLU B 66 0.22 -11.96 -17.29
N ASN B 67 -0.97 -12.59 -17.46
CA ASN B 67 -1.74 -12.48 -18.71
C ASN B 67 -2.53 -11.20 -18.82
N ASN B 68 -3.32 -10.83 -17.77
CA ASN B 68 -4.10 -9.59 -17.87
C ASN B 68 -3.16 -8.37 -17.83
N MET B 69 -1.97 -8.49 -17.18
CA MET B 69 -0.97 -7.41 -17.16
CA MET B 69 -1.05 -7.35 -17.20
C MET B 69 -0.51 -7.17 -18.60
N SER B 70 -0.26 -8.26 -19.34
CA SER B 70 0.20 -8.16 -20.73
C SER B 70 -0.89 -7.48 -21.58
N GLU B 71 -2.17 -7.85 -21.40
CA GLU B 71 -3.26 -7.17 -22.13
C GLU B 71 -3.32 -5.70 -21.75
N TYR B 72 -3.26 -5.40 -20.43
CA TYR B 72 -3.31 -4.04 -19.92
C TYR B 72 -2.20 -3.19 -20.53
N LEU B 73 -0.96 -3.66 -20.47
CA LEU B 73 0.20 -2.91 -20.97
C LEU B 73 0.16 -2.71 -22.49
N THR B 74 -0.55 -3.56 -23.24
CA THR B 74 -0.68 -3.39 -24.69
C THR B 74 -1.41 -2.08 -25.00
N ASN B 75 -2.46 -1.76 -24.21
CA ASN B 75 -3.25 -0.55 -24.41
C ASN B 75 -4.01 -0.26 -23.11
N PRO B 76 -3.35 0.46 -22.18
CA PRO B 76 -3.97 0.71 -20.86
C PRO B 76 -5.34 1.38 -20.88
N LYS B 77 -5.52 2.43 -21.71
CA LYS B 77 -6.79 3.17 -21.81
C LYS B 77 -7.91 2.34 -22.42
N LYS B 78 -7.57 1.33 -23.23
CA LYS B 78 -8.57 0.44 -23.81
C LYS B 78 -9.01 -0.59 -22.76
N TYR B 79 -8.05 -1.12 -21.98
CA TYR B 79 -8.31 -2.12 -20.94
C TYR B 79 -9.05 -1.52 -19.75
N ILE B 80 -8.66 -0.29 -19.35
CA ILE B 80 -9.28 0.42 -18.22
C ILE B 80 -9.69 1.82 -18.72
N PRO B 81 -10.82 1.95 -19.45
CA PRO B 81 -11.24 3.28 -19.92
C PRO B 81 -11.40 4.25 -18.76
N GLY B 82 -10.83 5.42 -18.88
CA GLY B 82 -10.89 6.41 -17.81
C GLY B 82 -9.64 6.43 -16.94
N THR B 83 -8.71 5.47 -17.13
CA THR B 83 -7.47 5.45 -16.34
C THR B 83 -6.66 6.74 -16.56
N LYS B 84 -5.93 7.19 -15.53
CA LYS B 84 -5.09 8.37 -15.68
C LYS B 84 -3.65 8.01 -16.05
N MET B 85 -3.36 6.70 -16.26
CA MET B 85 -2.01 6.28 -16.68
C MET B 85 -1.83 6.73 -18.15
N ALA B 86 -1.00 7.78 -18.36
CA ALA B 86 -0.73 8.36 -19.69
C ALA B 86 0.36 7.55 -20.39
N PHE B 87 -0.01 6.35 -20.82
CA PHE B 87 0.90 5.42 -21.48
C PHE B 87 0.17 4.82 -22.67
N GLY B 88 0.72 5.04 -23.86
CA GLY B 88 0.14 4.57 -25.10
C GLY B 88 0.04 3.07 -25.22
N GLY B 89 1.05 2.37 -24.72
CA GLY B 89 1.09 0.92 -24.74
C GLY B 89 2.38 0.30 -25.25
N LEU B 90 2.70 -0.91 -24.76
CA LEU B 90 3.84 -1.72 -25.16
C LEU B 90 3.26 -2.66 -26.21
N LYS B 91 3.40 -2.30 -27.48
CA LYS B 91 2.78 -3.07 -28.56
C LYS B 91 3.47 -4.37 -28.92
N LYS B 92 4.77 -4.50 -28.61
CA LYS B 92 5.56 -5.69 -28.95
C LYS B 92 5.44 -6.79 -27.91
N GLU B 93 5.02 -7.99 -28.35
CA GLU B 93 4.85 -9.16 -27.48
C GLU B 93 6.13 -9.51 -26.71
N LYS B 94 7.29 -9.51 -27.40
CA LYS B 94 8.57 -9.83 -26.74
C LYS B 94 8.91 -8.82 -25.64
N ASP B 95 8.62 -7.51 -25.88
CA ASP B 95 8.83 -6.45 -24.88
C ASP B 95 7.94 -6.66 -23.68
N ARG B 96 6.66 -7.01 -23.90
CA ARG B 96 5.76 -7.26 -22.77
C ARG B 96 6.21 -8.47 -21.97
N ASN B 97 6.61 -9.56 -22.66
CA ASN B 97 7.11 -10.76 -21.98
C ASN B 97 8.37 -10.45 -21.17
N ASP B 98 9.34 -9.74 -21.77
CA ASP B 98 10.56 -9.39 -21.05
C ASP B 98 10.27 -8.50 -19.84
N LEU B 99 9.46 -7.45 -20.04
CA LEU B 99 9.10 -6.55 -18.96
C LEU B 99 8.38 -7.26 -17.82
N ILE B 100 7.39 -8.13 -18.15
CA ILE B 100 6.64 -8.83 -17.10
C ILE B 100 7.53 -9.84 -16.37
N THR B 101 8.50 -10.47 -17.09
CA THR B 101 9.45 -11.39 -16.45
C THR B 101 10.24 -10.63 -15.39
N TYR B 102 10.69 -9.40 -15.73
CA TYR B 102 11.40 -8.54 -14.79
C TYR B 102 10.47 -8.15 -13.63
N LEU B 103 9.24 -7.68 -13.93
CA LEU B 103 8.29 -7.24 -12.90
C LEU B 103 7.96 -8.34 -11.90
N LYS B 104 7.79 -9.58 -12.38
CA LYS B 104 7.51 -10.74 -11.52
C LYS B 104 8.60 -10.90 -10.48
N LYS B 105 9.86 -10.69 -10.86
CA LYS B 105 11.01 -10.79 -9.95
C LYS B 105 11.14 -9.54 -9.06
N ALA B 106 11.11 -8.35 -9.67
CA ALA B 106 11.34 -7.07 -8.98
C ALA B 106 10.26 -6.68 -7.97
N THR B 107 8.99 -7.06 -8.23
CA THR B 107 7.88 -6.69 -7.34
C THR B 107 7.61 -7.73 -6.25
N GLU B 108 8.37 -8.82 -6.24
CA GLU B 108 8.19 -9.89 -5.24
C GLU B 108 9.35 -9.98 -4.25
#